data_5TKI
#
_entry.id   5TKI
#
_cell.length_a   68.120
_cell.length_b   42.230
_cell.length_c   70.290
_cell.angle_alpha   90.00
_cell.angle_beta   98.33
_cell.angle_gamma   90.00
#
_symmetry.space_group_name_H-M   'P 1 21 1'
#
loop_
_entity.id
_entity.type
_entity.pdbx_description
1 polymer 'Lytic polysaccharide monooxygenase'
2 branched 2-acetamido-2-deoxy-beta-D-glucopyranose-(1-4)-2-acetamido-2-deoxy-beta-D-glucopyranose
3 non-polymer 'COPPER (II) ION'
4 water water
#
_entity_poly.entity_id   1
_entity_poly.type   'polypeptide(L)'
_entity_poly.pdbx_seq_one_letter_code
;HTIFSSLEVNGVNQGLGEGVRVPTYNGPIEDVTSASIACNGSPNTVASTSKVITVQAGTNVTAIWRYMLSTTGDSPADVM
DSSHKGPTIAYLKKVDNAATASGVGNGWFKIQQDGMDSSGVWGTERVINGKGRHSIKIPECIAPGQYLLRAEMIALHAAS
NYPGAQFYMECAQLNVVGGTGAKTPSTVSFPGAYSGSDPGVKISIYWPPVTSYTVPGPSVFTC
;
_entity_poly.pdbx_strand_id   A,B
#
# COMPACT_ATOMS: atom_id res chain seq x y z
N HIS A 1 0.51 -7.61 1.82
CA HIS A 1 1.49 -7.29 0.75
C HIS A 1 2.08 -8.55 0.20
N THR A 2 2.00 -8.72 -1.12
CA THR A 2 2.34 -9.95 -1.81
C THR A 2 2.34 -9.64 -3.30
N ILE A 3 3.04 -10.48 -4.06
CA ILE A 3 3.16 -10.39 -5.52
C ILE A 3 3.13 -11.79 -6.13
N PHE A 4 2.24 -12.00 -7.09
CA PHE A 4 2.27 -13.17 -7.97
C PHE A 4 3.38 -12.95 -8.98
N SER A 5 4.53 -13.60 -8.78
CA SER A 5 5.71 -13.20 -9.53
C SER A 5 6.28 -14.26 -10.44
N SER A 6 5.72 -15.46 -10.48
CA SER A 6 6.12 -16.47 -11.45
C SER A 6 5.01 -17.49 -11.57
N LEU A 7 5.03 -18.22 -12.69
CA LEU A 7 4.03 -19.23 -12.97
C LEU A 7 4.70 -20.56 -13.17
N GLU A 8 4.11 -21.61 -12.62
CA GLU A 8 4.58 -22.96 -12.87
C GLU A 8 3.60 -23.64 -13.82
N VAL A 9 4.17 -24.21 -14.90
CA VAL A 9 3.43 -24.90 -15.96
C VAL A 9 4.10 -26.24 -16.24
N ASN A 10 3.31 -27.33 -16.32
CA ASN A 10 3.85 -28.70 -16.49
C ASN A 10 4.97 -28.99 -15.51
N GLY A 11 4.80 -28.53 -14.26
CA GLY A 11 5.74 -28.74 -13.18
C GLY A 11 7.04 -27.96 -13.24
N VAL A 12 7.18 -26.98 -14.13
CA VAL A 12 8.41 -26.21 -14.24
C VAL A 12 8.08 -24.74 -14.08
N ASN A 13 8.82 -24.07 -13.21
CA ASN A 13 8.68 -22.64 -13.01
C ASN A 13 9.24 -21.90 -14.19
N GLN A 14 8.45 -20.98 -14.77
CA GLN A 14 8.82 -20.28 -15.99
C GLN A 14 9.71 -19.06 -15.79
N GLY A 15 10.01 -18.71 -14.56
CA GLY A 15 11.01 -17.70 -14.28
C GLY A 15 10.38 -16.47 -13.67
N LEU A 16 11.18 -15.75 -12.87
N LEU A 16 11.15 -15.79 -12.82
CA LEU A 16 10.70 -14.57 -12.15
CA LEU A 16 10.72 -14.57 -12.17
C LEU A 16 10.39 -13.45 -13.11
C LEU A 16 10.36 -13.53 -13.21
N GLY A 17 9.13 -13.02 -13.15
CA GLY A 17 8.72 -12.00 -14.08
C GLY A 17 8.65 -12.40 -15.53
N GLU A 18 8.75 -13.69 -15.85
CA GLU A 18 8.78 -14.20 -17.23
C GLU A 18 7.38 -14.62 -17.61
N GLY A 19 6.73 -13.80 -18.42
CA GLY A 19 5.35 -14.10 -18.75
C GLY A 19 4.36 -13.60 -17.73
N VAL A 20 4.82 -13.03 -16.63
CA VAL A 20 3.98 -12.41 -15.61
C VAL A 20 4.36 -10.94 -15.53
N ARG A 21 3.38 -10.05 -15.62
CA ARG A 21 3.62 -8.60 -15.58
C ARG A 21 3.73 -8.19 -14.11
N VAL A 22 4.95 -8.02 -13.61
CA VAL A 22 5.13 -7.84 -12.19
C VAL A 22 5.32 -6.38 -11.83
N PRO A 23 4.75 -5.94 -10.73
CA PRO A 23 5.04 -4.64 -10.15
C PRO A 23 6.35 -4.68 -9.38
N THR A 24 6.91 -3.48 -9.23
CA THR A 24 8.11 -3.36 -8.41
C THR A 24 7.75 -3.43 -6.93
N TYR A 25 6.59 -2.92 -6.55
N TYR A 25 6.56 -2.95 -6.57
CA TYR A 25 6.23 -2.86 -5.14
CA TYR A 25 6.15 -2.76 -5.18
C TYR A 25 5.06 -3.79 -4.89
C TYR A 25 4.98 -3.69 -4.87
N ASN A 26 4.96 -4.23 -3.63
CA ASN A 26 4.00 -5.26 -3.24
C ASN A 26 2.73 -4.69 -2.60
N GLY A 27 2.43 -3.40 -2.73
CA GLY A 27 1.25 -2.90 -2.09
C GLY A 27 -0.01 -3.12 -2.90
N PRO A 28 -1.15 -3.02 -2.25
CA PRO A 28 -2.43 -3.31 -2.89
C PRO A 28 -3.02 -2.17 -3.69
N ILE A 29 -3.97 -2.51 -4.51
CA ILE A 29 -4.95 -1.60 -5.10
C ILE A 29 -6.12 -1.56 -4.15
N GLU A 30 -6.73 -0.39 -4.01
N GLU A 30 -6.69 -0.37 -3.89
CA GLU A 30 -7.81 -0.19 -3.07
CA GLU A 30 -7.87 -0.26 -3.05
C GLU A 30 -9.03 0.45 -3.69
C GLU A 30 -9.10 0.27 -3.78
N ASP A 31 -8.94 0.92 -4.92
CA ASP A 31 -10.04 1.56 -5.64
C ASP A 31 -10.54 0.61 -6.72
N VAL A 32 -11.72 0.03 -6.51
CA VAL A 32 -12.22 -0.92 -7.49
C VAL A 32 -12.67 -0.28 -8.78
N THR A 33 -12.74 1.03 -8.81
CA THR A 33 -13.10 1.72 -10.06
C THR A 33 -11.90 2.10 -10.89
N SER A 34 -10.71 1.93 -10.37
CA SER A 34 -9.50 2.27 -11.09
C SER A 34 -9.18 1.24 -12.18
N ALA A 35 -8.61 1.73 -13.30
CA ALA A 35 -8.13 0.83 -14.33
C ALA A 35 -7.08 -0.14 -13.81
N SER A 36 -6.38 0.23 -12.72
CA SER A 36 -5.38 -0.62 -12.10
C SER A 36 -5.94 -1.89 -11.52
N ILE A 37 -7.25 -2.00 -11.32
CA ILE A 37 -7.80 -3.24 -10.77
C ILE A 37 -7.68 -4.39 -11.76
N ALA A 38 -7.56 -4.13 -13.07
CA ALA A 38 -7.46 -5.23 -14.03
C ALA A 38 -6.16 -6.02 -13.88
N CYS A 39 -5.00 -5.38 -14.14
CA CYS A 39 -3.72 -6.08 -14.13
C CYS A 39 -2.70 -5.34 -13.28
N ASN A 40 -3.16 -4.66 -12.22
CA ASN A 40 -2.34 -3.80 -11.40
C ASN A 40 -1.93 -2.57 -12.22
N GLY A 41 -1.24 -1.65 -11.63
CA GLY A 41 -0.92 -0.37 -12.27
C GLY A 41 -0.77 0.73 -11.23
N SER A 42 -0.90 1.97 -11.75
CA SER A 42 -0.72 3.16 -10.95
C SER A 42 -1.52 3.07 -9.66
N PRO A 43 -0.94 3.49 -8.50
CA PRO A 43 0.33 4.18 -8.39
C PRO A 43 1.56 3.29 -8.30
N ASN A 44 1.37 2.00 -8.52
CA ASN A 44 2.47 1.10 -8.73
C ASN A 44 3.00 1.22 -10.18
N THR A 45 4.11 0.54 -10.43
N THR A 45 4.14 0.54 -10.44
CA THR A 45 4.78 0.47 -11.73
CA THR A 45 4.69 0.49 -11.77
C THR A 45 4.85 -1.01 -12.12
C THR A 45 4.90 -0.97 -12.17
N VAL A 46 4.28 -1.36 -13.27
CA VAL A 46 4.22 -2.75 -13.72
C VAL A 46 5.15 -2.96 -14.91
N ALA A 47 5.98 -4.00 -14.83
CA ALA A 47 6.90 -4.28 -15.94
C ALA A 47 6.20 -5.03 -17.07
N SER A 48 6.70 -4.84 -18.25
CA SER A 48 6.25 -5.61 -19.40
C SER A 48 7.16 -6.80 -19.57
N THR A 49 6.67 -7.79 -20.30
CA THR A 49 7.40 -9.01 -20.52
C THR A 49 7.02 -9.50 -21.90
N SER A 50 8.01 -9.94 -22.67
CA SER A 50 7.68 -10.41 -24.02
C SER A 50 7.28 -11.89 -24.08
N LYS A 51 7.49 -12.64 -23.01
CA LYS A 51 7.20 -14.06 -22.99
C LYS A 51 5.72 -14.36 -22.90
N VAL A 52 5.28 -15.27 -23.76
CA VAL A 52 3.95 -15.82 -23.77
C VAL A 52 4.08 -17.31 -23.52
N ILE A 53 3.38 -17.81 -22.53
CA ILE A 53 3.60 -19.15 -21.99
C ILE A 53 2.56 -20.06 -22.60
N THR A 54 3.01 -21.14 -23.27
CA THR A 54 2.10 -22.14 -23.79
C THR A 54 1.61 -23.08 -22.71
N VAL A 55 0.30 -23.25 -22.64
N VAL A 55 0.29 -23.29 -22.71
CA VAL A 55 -0.32 -24.17 -21.71
CA VAL A 55 -0.43 -24.07 -21.70
C VAL A 55 -1.35 -24.98 -22.45
C VAL A 55 -1.49 -24.93 -22.37
N GLN A 56 -1.54 -26.21 -21.98
CA GLN A 56 -2.55 -27.13 -22.52
C GLN A 56 -3.88 -26.93 -21.80
N ALA A 57 -4.93 -26.67 -22.56
CA ALA A 57 -6.24 -26.61 -21.99
C ALA A 57 -6.56 -27.88 -21.19
N GLY A 58 -7.17 -27.69 -20.03
CA GLY A 58 -7.55 -28.73 -19.11
C GLY A 58 -6.52 -29.09 -18.04
N THR A 59 -5.30 -28.52 -18.13
CA THR A 59 -4.27 -28.72 -17.12
C THR A 59 -4.34 -27.57 -16.12
N ASN A 60 -3.67 -27.79 -14.99
CA ASN A 60 -3.51 -26.73 -13.99
C ASN A 60 -2.21 -26.00 -14.17
N VAL A 61 -2.25 -24.70 -13.92
CA VAL A 61 -1.06 -23.89 -13.76
C VAL A 61 -1.04 -23.49 -12.30
N THR A 62 0.12 -23.12 -11.82
CA THR A 62 0.21 -22.73 -10.41
C THR A 62 0.88 -21.34 -10.36
N ALA A 63 0.14 -20.34 -9.85
CA ALA A 63 0.65 -19.04 -9.55
C ALA A 63 1.45 -19.10 -8.26
N ILE A 64 2.61 -18.49 -8.24
CA ILE A 64 3.50 -18.55 -7.09
C ILE A 64 3.55 -17.15 -6.51
N TRP A 65 3.04 -17.00 -5.32
CA TRP A 65 2.95 -15.74 -4.60
C TRP A 65 4.13 -15.62 -3.62
N ARG A 66 4.71 -14.42 -3.58
CA ARG A 66 5.82 -14.15 -2.70
C ARG A 66 5.68 -12.75 -2.13
N TYR A 67 6.29 -12.54 -0.96
CA TYR A 67 6.16 -11.24 -0.31
C TYR A 67 6.69 -10.07 -1.16
N MET A 68 7.90 -10.23 -1.68
CA MET A 68 8.58 -9.26 -2.53
C MET A 68 9.19 -10.00 -3.71
N LEU A 69 9.58 -9.20 -4.72
CA LEU A 69 10.22 -9.79 -5.89
C LEU A 69 11.47 -10.57 -5.54
N SER A 70 12.24 -10.05 -4.61
CA SER A 70 13.52 -10.61 -4.24
C SER A 70 13.44 -11.68 -3.19
N THR A 71 12.22 -12.02 -2.71
CA THR A 71 12.07 -13.09 -1.73
C THR A 71 12.52 -14.44 -2.27
N THR A 72 13.30 -15.16 -1.45
CA THR A 72 13.86 -16.45 -1.86
C THR A 72 13.28 -17.65 -1.11
N GLY A 73 12.65 -17.45 0.04
CA GLY A 73 12.01 -18.54 0.75
C GLY A 73 10.55 -18.77 0.38
N ASP A 74 9.97 -19.80 1.00
CA ASP A 74 8.59 -20.15 0.80
C ASP A 74 7.87 -20.39 2.13
N SER A 75 8.39 -19.87 3.22
CA SER A 75 7.70 -19.98 4.49
C SER A 75 6.52 -19.01 4.51
N PRO A 76 5.65 -19.11 5.52
CA PRO A 76 4.49 -18.21 5.54
C PRO A 76 4.83 -16.73 5.40
N ALA A 77 5.84 -16.22 6.11
CA ALA A 77 6.16 -14.79 6.07
C ALA A 77 6.82 -14.40 4.75
N ASP A 78 7.27 -15.40 3.98
CA ASP A 78 7.79 -15.19 2.63
C ASP A 78 6.68 -15.11 1.59
N VAL A 79 5.43 -15.31 1.98
CA VAL A 79 4.29 -15.29 1.05
C VAL A 79 3.43 -14.07 1.30
N MET A 80 2.88 -13.94 2.52
CA MET A 80 2.00 -12.83 2.87
C MET A 80 1.73 -12.90 4.37
N ASP A 81 1.51 -11.74 4.96
CA ASP A 81 1.23 -11.66 6.38
C ASP A 81 -0.03 -12.44 6.70
N SER A 82 0.02 -13.15 7.83
CA SER A 82 -1.11 -13.98 8.25
C SER A 82 -2.37 -13.18 8.59
N SER A 83 -2.29 -11.88 8.83
CA SER A 83 -3.49 -11.08 8.98
C SER A 83 -4.35 -11.02 7.74
N HIS A 84 -3.75 -11.22 6.57
CA HIS A 84 -4.42 -10.94 5.31
C HIS A 84 -5.33 -12.11 4.89
N LYS A 85 -6.44 -12.23 5.59
CA LYS A 85 -7.42 -13.25 5.31
C LYS A 85 -8.39 -12.82 4.23
N GLY A 86 -8.64 -13.72 3.30
CA GLY A 86 -9.60 -13.48 2.23
C GLY A 86 -9.59 -14.54 1.19
N PRO A 87 -10.29 -14.30 0.08
CA PRO A 87 -10.34 -15.27 -1.01
C PRO A 87 -9.14 -15.23 -1.95
N THR A 88 -8.96 -16.32 -2.69
CA THR A 88 -8.15 -16.36 -3.90
C THR A 88 -9.08 -16.56 -5.10
N ILE A 89 -8.74 -15.95 -6.22
CA ILE A 89 -9.61 -15.88 -7.39
C ILE A 89 -8.75 -15.85 -8.64
N ALA A 90 -9.25 -16.38 -9.72
CA ALA A 90 -8.53 -16.30 -10.99
C ALA A 90 -9.51 -16.18 -12.13
N TYR A 91 -9.11 -15.40 -13.12
CA TYR A 91 -9.90 -15.05 -14.30
C TYR A 91 -9.03 -15.21 -15.54
N LEU A 92 -9.70 -15.43 -16.67
CA LEU A 92 -9.09 -15.41 -18.00
C LEU A 92 -9.76 -14.37 -18.86
N LYS A 93 -9.02 -13.87 -19.88
CA LYS A 93 -9.58 -12.94 -20.85
C LYS A 93 -8.92 -13.25 -22.18
N LYS A 94 -9.74 -13.50 -23.22
CA LYS A 94 -9.21 -13.76 -24.56
C LYS A 94 -8.79 -12.45 -25.23
N VAL A 95 -7.56 -12.43 -25.77
CA VAL A 95 -6.98 -11.23 -26.35
C VAL A 95 -6.30 -11.64 -27.65
N ASP A 96 -6.05 -10.66 -28.52
N ASP A 96 -6.06 -10.67 -28.51
CA ASP A 96 -5.44 -11.00 -29.81
CA ASP A 96 -5.44 -10.96 -29.81
C ASP A 96 -3.93 -11.15 -29.67
C ASP A 96 -3.93 -11.11 -29.69
N ASN A 97 -3.32 -10.42 -28.73
CA ASN A 97 -1.87 -10.44 -28.50
C ASN A 97 -1.61 -10.30 -27.01
N ALA A 98 -1.26 -11.42 -26.37
CA ALA A 98 -1.11 -11.38 -24.90
C ALA A 98 0.10 -10.60 -24.43
N ALA A 99 1.09 -10.32 -25.27
CA ALA A 99 2.22 -9.53 -24.84
C ALA A 99 1.91 -8.05 -24.84
N THR A 100 0.82 -7.61 -25.49
CA THR A 100 0.55 -6.20 -25.62
C THR A 100 -0.82 -5.76 -25.15
N ALA A 101 -1.77 -6.68 -24.97
CA ALA A 101 -3.13 -6.30 -24.59
C ALA A 101 -3.15 -5.71 -23.19
N SER A 102 -3.95 -4.67 -22.89
N SER A 102 -3.82 -4.57 -23.17
CA SER A 102 -3.80 -4.05 -21.52
CA SER A 102 -4.59 -4.05 -22.07
C SER A 102 -4.52 -4.78 -20.36
C SER A 102 -5.72 -5.03 -21.78
N GLY A 103 -5.50 -5.58 -20.66
CA GLY A 103 -6.43 -6.18 -19.74
C GLY A 103 -7.63 -5.37 -19.37
N VAL A 104 -7.59 -4.05 -19.49
CA VAL A 104 -8.70 -3.22 -19.04
C VAL A 104 -9.89 -3.46 -19.95
N GLY A 105 -11.09 -3.48 -19.37
CA GLY A 105 -12.30 -3.61 -20.13
C GLY A 105 -12.97 -4.95 -19.96
N ASN A 106 -13.82 -5.26 -20.93
CA ASN A 106 -14.68 -6.43 -20.89
C ASN A 106 -13.89 -7.65 -21.38
N GLY A 107 -14.43 -8.84 -21.17
CA GLY A 107 -13.87 -10.09 -21.65
C GLY A 107 -13.44 -11.08 -20.58
N TRP A 108 -13.43 -10.66 -19.30
CA TRP A 108 -13.00 -11.56 -18.21
C TRP A 108 -14.06 -12.55 -17.85
N PHE A 109 -13.61 -13.75 -17.52
CA PHE A 109 -14.47 -14.77 -16.94
C PHE A 109 -13.73 -15.52 -15.84
N LYS A 110 -14.43 -15.82 -14.76
CA LYS A 110 -13.82 -16.40 -13.57
C LYS A 110 -13.62 -17.88 -13.75
N ILE A 111 -12.46 -18.41 -13.40
CA ILE A 111 -12.18 -19.83 -13.58
C ILE A 111 -11.83 -20.54 -12.28
N GLN A 112 -11.64 -19.82 -11.17
CA GLN A 112 -11.23 -20.42 -9.93
C GLN A 112 -11.61 -19.44 -8.82
N GLN A 113 -12.02 -19.98 -7.66
CA GLN A 113 -12.18 -19.15 -6.47
C GLN A 113 -12.13 -20.07 -5.24
N ASP A 114 -11.64 -19.51 -4.16
CA ASP A 114 -11.52 -20.21 -2.88
C ASP A 114 -11.75 -19.13 -1.82
N GLY A 115 -12.97 -19.12 -1.22
CA GLY A 115 -13.38 -18.12 -0.27
C GLY A 115 -13.14 -18.60 1.15
N MET A 116 -14.20 -18.88 1.92
CA MET A 116 -14.05 -19.38 3.28
C MET A 116 -14.77 -20.71 3.30
N ASP A 117 -14.11 -21.71 3.85
CA ASP A 117 -14.73 -23.03 3.88
C ASP A 117 -15.53 -23.20 5.16
N SER A 118 -16.11 -24.41 5.29
CA SER A 118 -17.05 -24.70 6.37
C SER A 118 -16.38 -24.66 7.73
N SER A 119 -15.04 -24.77 7.75
CA SER A 119 -14.23 -24.72 8.97
C SER A 119 -13.69 -23.34 9.28
N GLY A 120 -14.06 -22.32 8.52
CA GLY A 120 -13.64 -20.97 8.79
C GLY A 120 -12.28 -20.60 8.23
N VAL A 121 -11.69 -21.45 7.39
CA VAL A 121 -10.36 -21.20 6.86
C VAL A 121 -10.46 -20.59 5.46
N TRP A 122 -9.70 -19.53 5.25
CA TRP A 122 -9.78 -18.73 4.02
C TRP A 122 -8.80 -19.22 2.93
N GLY A 123 -9.19 -18.97 1.70
CA GLY A 123 -8.31 -19.25 0.56
C GLY A 123 -6.89 -18.73 0.71
N THR A 124 -6.72 -17.49 1.19
CA THR A 124 -5.38 -16.95 1.32
C THR A 124 -4.56 -17.76 2.31
N GLU A 125 -5.21 -18.31 3.35
CA GLU A 125 -4.46 -19.09 4.32
C GLU A 125 -3.89 -20.35 3.72
N ARG A 126 -4.62 -20.96 2.79
CA ARG A 126 -4.13 -22.13 2.06
C ARG A 126 -2.94 -21.80 1.18
N VAL A 127 -2.89 -20.58 0.63
CA VAL A 127 -1.72 -20.17 -0.12
C VAL A 127 -0.57 -19.83 0.82
N ILE A 128 -0.82 -19.04 1.87
CA ILE A 128 0.23 -18.68 2.82
C ILE A 128 0.91 -19.91 3.39
N ASN A 129 0.13 -20.91 3.76
CA ASN A 129 0.68 -22.09 4.40
C ASN A 129 1.00 -23.18 3.40
N GLY A 130 0.75 -22.97 2.10
CA GLY A 130 1.09 -23.92 1.06
C GLY A 130 2.19 -23.44 0.16
N LYS A 131 3.23 -22.83 0.73
CA LYS A 131 4.43 -22.42 -0.01
C LYS A 131 4.08 -21.43 -1.16
N GLY A 132 2.96 -20.70 -1.02
CA GLY A 132 2.65 -19.67 -1.97
C GLY A 132 2.01 -20.19 -3.22
N ARG A 133 1.59 -21.43 -3.24
CA ARG A 133 1.10 -22.07 -4.45
C ARG A 133 -0.40 -21.91 -4.55
N HIS A 134 -0.84 -21.36 -5.66
CA HIS A 134 -2.23 -21.07 -5.99
C HIS A 134 -2.54 -21.81 -7.29
N SER A 135 -3.21 -22.98 -7.19
CA SER A 135 -3.39 -23.86 -8.34
C SER A 135 -4.71 -23.53 -9.02
N ILE A 136 -4.67 -23.43 -10.35
CA ILE A 136 -5.74 -22.92 -11.19
C ILE A 136 -5.88 -23.85 -12.38
N LYS A 137 -7.09 -24.35 -12.59
CA LYS A 137 -7.33 -25.21 -13.75
C LYS A 137 -7.76 -24.38 -14.95
N ILE A 138 -7.05 -24.56 -16.07
CA ILE A 138 -7.43 -23.93 -17.35
C ILE A 138 -8.53 -24.81 -17.94
N PRO A 139 -9.74 -24.28 -18.21
CA PRO A 139 -10.82 -25.15 -18.69
C PRO A 139 -10.48 -25.77 -20.04
N GLU A 140 -10.96 -27.02 -20.23
CA GLU A 140 -10.64 -27.74 -21.46
C GLU A 140 -11.53 -27.28 -22.60
N CYS A 141 -12.67 -26.66 -22.29
CA CYS A 141 -13.70 -26.39 -23.28
C CYS A 141 -13.65 -25.02 -23.90
N ILE A 142 -12.64 -24.19 -23.59
CA ILE A 142 -12.53 -22.89 -24.21
C ILE A 142 -11.81 -22.95 -25.55
N ALA A 143 -11.99 -21.87 -26.30
CA ALA A 143 -11.30 -21.70 -27.58
C ALA A 143 -9.79 -21.58 -27.40
N PRO A 144 -8.98 -22.20 -28.23
CA PRO A 144 -7.56 -21.93 -28.18
C PRO A 144 -7.26 -20.49 -28.58
N GLY A 145 -6.10 -20.02 -28.15
CA GLY A 145 -5.63 -18.72 -28.50
C GLY A 145 -4.93 -18.07 -27.30
N GLN A 146 -4.70 -16.78 -27.47
CA GLN A 146 -3.96 -16.00 -26.48
C GLN A 146 -4.93 -15.47 -25.45
N TYR A 147 -4.50 -15.55 -24.17
CA TYR A 147 -5.29 -15.15 -23.03
C TYR A 147 -4.42 -14.45 -22.02
N LEU A 148 -5.05 -13.55 -21.26
CA LEU A 148 -4.46 -13.07 -20.02
C LEU A 148 -5.06 -13.87 -18.88
N LEU A 149 -4.22 -14.25 -17.94
CA LEU A 149 -4.64 -14.90 -16.69
C LEU A 149 -4.45 -13.90 -15.56
N ARG A 150 -5.52 -13.52 -14.86
CA ARG A 150 -5.49 -12.58 -13.74
C ARG A 150 -5.68 -13.40 -12.48
N ALA A 151 -4.64 -13.52 -11.69
CA ALA A 151 -4.70 -14.20 -10.41
C ALA A 151 -4.75 -13.14 -9.30
N GLU A 152 -5.54 -13.35 -8.28
CA GLU A 152 -5.86 -12.35 -7.28
C GLU A 152 -5.98 -12.96 -5.90
N MET A 153 -5.50 -12.23 -4.93
CA MET A 153 -5.79 -12.45 -3.52
C MET A 153 -6.38 -11.18 -2.95
N ILE A 154 -7.44 -11.26 -2.21
CA ILE A 154 -8.04 -10.09 -1.58
C ILE A 154 -7.88 -10.22 -0.08
N ALA A 155 -7.28 -9.27 0.58
CA ALA A 155 -7.18 -9.27 2.03
C ALA A 155 -8.26 -8.40 2.64
N LEU A 156 -9.01 -8.98 3.58
CA LEU A 156 -10.21 -8.36 4.12
C LEU A 156 -10.07 -7.95 5.58
N HIS A 157 -8.87 -8.04 6.14
CA HIS A 157 -8.68 -7.69 7.55
C HIS A 157 -9.01 -6.26 7.84
N ALA A 158 -8.95 -5.35 6.87
CA ALA A 158 -9.23 -3.94 7.11
C ALA A 158 -10.40 -3.47 6.26
N ALA A 159 -11.37 -4.39 5.98
CA ALA A 159 -12.42 -4.13 5.00
C ALA A 159 -13.78 -3.77 5.59
N SER A 160 -13.83 -3.39 6.89
CA SER A 160 -15.11 -3.11 7.50
C SER A 160 -15.83 -1.96 6.80
N ASN A 161 -15.11 -0.98 6.26
CA ASN A 161 -15.66 0.07 5.44
C ASN A 161 -14.93 0.00 4.13
N TYR A 162 -15.46 0.75 3.17
CA TYR A 162 -14.87 0.89 1.86
C TYR A 162 -14.50 2.35 1.66
N PRO A 163 -13.25 2.66 1.28
CA PRO A 163 -12.16 1.73 0.94
C PRO A 163 -11.63 1.02 2.15
N GLY A 164 -11.05 -0.17 1.94
CA GLY A 164 -10.56 -0.98 3.01
C GLY A 164 -9.98 -2.27 2.52
N ALA A 165 -10.79 -2.95 1.71
CA ALA A 165 -10.34 -4.20 1.08
C ALA A 165 -9.09 -3.94 0.28
N GLN A 166 -8.18 -4.93 0.30
CA GLN A 166 -6.87 -4.79 -0.37
C GLN A 166 -6.75 -5.83 -1.45
N PHE A 167 -6.68 -5.37 -2.68
CA PHE A 167 -6.67 -6.24 -3.87
C PHE A 167 -5.25 -6.40 -4.35
N TYR A 168 -4.77 -7.64 -4.46
CA TYR A 168 -3.43 -7.97 -4.96
C TYR A 168 -3.60 -8.83 -6.20
N MET A 169 -3.15 -8.36 -7.33
CA MET A 169 -3.36 -9.09 -8.56
C MET A 169 -2.22 -8.88 -9.55
N GLU A 170 -1.99 -9.86 -10.40
CA GLU A 170 -1.08 -9.73 -11.53
C GLU A 170 -1.65 -10.54 -12.67
N CYS A 171 -1.21 -10.17 -13.88
CA CYS A 171 -1.61 -10.83 -15.11
C CYS A 171 -0.46 -11.57 -15.76
N ALA A 172 -0.73 -12.81 -16.13
CA ALA A 172 0.17 -13.66 -16.90
C ALA A 172 -0.30 -13.79 -18.34
N GLN A 173 0.63 -14.05 -19.21
CA GLN A 173 0.41 -14.04 -20.67
C GLN A 173 0.49 -15.48 -21.17
N LEU A 174 -0.64 -16.01 -21.66
CA LEU A 174 -0.79 -17.40 -22.02
C LEU A 174 -1.10 -17.58 -23.50
N ASN A 175 -0.65 -18.72 -24.02
CA ASN A 175 -1.10 -19.28 -25.29
C ASN A 175 -1.72 -20.62 -24.96
N VAL A 176 -3.03 -20.69 -25.04
CA VAL A 176 -3.77 -21.89 -24.65
C VAL A 176 -3.93 -22.74 -25.90
N VAL A 177 -3.40 -23.95 -25.84
CA VAL A 177 -3.49 -24.93 -26.93
C VAL A 177 -4.39 -26.10 -26.50
N GLY A 178 -5.08 -26.64 -27.48
CA GLY A 178 -5.85 -27.83 -27.22
C GLY A 178 -7.24 -27.61 -26.68
N GLY A 179 -7.71 -26.38 -26.63
CA GLY A 179 -9.08 -26.14 -26.19
C GLY A 179 -10.04 -26.57 -27.27
N THR A 180 -11.20 -27.06 -26.84
CA THR A 180 -12.15 -27.59 -27.82
C THR A 180 -13.03 -26.50 -28.41
N GLY A 181 -13.15 -25.34 -27.78
CA GLY A 181 -14.04 -24.31 -28.27
C GLY A 181 -15.51 -24.63 -28.12
N ALA A 182 -15.83 -25.64 -27.30
CA ALA A 182 -17.19 -26.11 -27.18
C ALA A 182 -18.08 -25.13 -26.46
N LYS A 183 -17.51 -24.24 -25.62
CA LYS A 183 -18.33 -23.44 -24.76
C LYS A 183 -17.79 -22.02 -24.72
N THR A 184 -18.72 -21.07 -24.84
CA THR A 184 -18.38 -19.64 -24.86
C THR A 184 -18.75 -19.02 -23.51
N PRO A 185 -17.80 -18.46 -22.75
CA PRO A 185 -18.18 -17.87 -21.46
C PRO A 185 -18.91 -16.53 -21.60
N SER A 186 -19.79 -16.24 -20.64
CA SER A 186 -20.25 -14.87 -20.45
C SER A 186 -19.17 -14.12 -19.67
N THR A 187 -18.99 -12.84 -19.98
CA THR A 187 -17.85 -12.07 -19.49
C THR A 187 -18.28 -10.84 -18.72
N VAL A 188 -17.33 -10.35 -17.93
CA VAL A 188 -17.45 -9.12 -17.14
C VAL A 188 -16.25 -8.22 -17.44
N SER A 189 -16.33 -6.98 -16.91
CA SER A 189 -15.30 -5.97 -17.11
C SER A 189 -14.54 -5.72 -15.81
N PHE A 190 -13.26 -5.41 -15.97
CA PHE A 190 -12.44 -4.81 -14.91
C PHE A 190 -11.87 -3.52 -15.43
N PRO A 191 -12.17 -2.39 -14.79
CA PRO A 191 -13.11 -2.20 -13.69
C PRO A 191 -14.56 -2.45 -14.10
N GLY A 192 -15.37 -2.81 -13.11
CA GLY A 192 -16.81 -2.90 -13.25
C GLY A 192 -17.40 -4.06 -12.48
N ALA A 193 -16.69 -5.17 -12.44
CA ALA A 193 -17.25 -6.38 -11.83
C ALA A 193 -17.37 -6.30 -10.29
N TYR A 194 -16.49 -5.55 -9.66
CA TYR A 194 -16.49 -5.36 -8.22
C TYR A 194 -17.03 -3.98 -7.91
N SER A 195 -17.79 -3.90 -6.84
CA SER A 195 -18.24 -2.61 -6.35
C SER A 195 -17.88 -2.49 -4.86
N GLY A 196 -17.76 -1.25 -4.40
CA GLY A 196 -17.42 -0.97 -3.01
C GLY A 196 -18.48 -1.36 -2.03
N SER A 197 -19.71 -1.61 -2.50
CA SER A 197 -20.80 -2.07 -1.66
C SER A 197 -21.04 -3.57 -1.67
N ASP A 198 -20.27 -4.32 -2.45
CA ASP A 198 -20.47 -5.75 -2.53
C ASP A 198 -20.30 -6.37 -1.15
N PRO A 199 -21.06 -7.43 -0.85
CA PRO A 199 -20.96 -8.04 0.48
C PRO A 199 -19.66 -8.77 0.75
N GLY A 200 -18.89 -9.06 -0.28
CA GLY A 200 -17.60 -9.66 -0.12
C GLY A 200 -16.44 -8.67 -0.18
N VAL A 201 -16.74 -7.41 -0.34
CA VAL A 201 -15.74 -6.33 -0.38
C VAL A 201 -15.81 -5.45 0.87
N LYS A 202 -17.02 -5.01 1.23
CA LYS A 202 -17.28 -4.26 2.46
C LYS A 202 -17.83 -5.24 3.49
N ILE A 203 -16.98 -5.68 4.42
CA ILE A 203 -17.30 -6.78 5.30
C ILE A 203 -16.40 -6.69 6.53
N SER A 204 -17.02 -6.90 7.71
CA SER A 204 -16.30 -7.01 8.95
C SER A 204 -16.13 -8.50 9.24
N ILE A 205 -14.91 -9.03 9.16
CA ILE A 205 -14.76 -10.45 9.23
C ILE A 205 -14.67 -10.94 10.68
N TYR A 206 -14.43 -10.06 11.63
CA TYR A 206 -14.24 -10.52 13.01
C TYR A 206 -15.44 -10.27 13.88
N TRP A 207 -16.16 -9.21 13.61
CA TRP A 207 -17.18 -8.80 14.55
C TRP A 207 -18.38 -8.20 13.80
N PRO A 208 -19.50 -8.91 13.76
CA PRO A 208 -19.62 -10.30 14.25
C PRO A 208 -18.83 -11.31 13.39
N PRO A 209 -18.37 -12.42 13.97
CA PRO A 209 -17.63 -13.42 13.16
C PRO A 209 -18.46 -13.93 11.98
N VAL A 210 -17.87 -13.93 10.77
CA VAL A 210 -18.59 -14.42 9.60
C VAL A 210 -18.60 -15.94 9.54
N THR A 211 -19.74 -16.47 9.10
CA THR A 211 -19.90 -17.89 8.93
C THR A 211 -19.97 -18.31 7.47
N SER A 212 -20.31 -17.37 6.56
CA SER A 212 -20.30 -17.63 5.13
C SER A 212 -19.77 -16.37 4.47
N TYR A 213 -19.12 -16.55 3.36
CA TYR A 213 -18.55 -15.47 2.60
C TYR A 213 -18.97 -15.60 1.15
N THR A 214 -19.37 -14.52 0.55
CA THR A 214 -19.73 -14.44 -0.87
C THR A 214 -18.56 -13.82 -1.62
N VAL A 215 -17.88 -14.61 -2.43
CA VAL A 215 -16.75 -14.10 -3.20
C VAL A 215 -17.29 -13.11 -4.22
N PRO A 216 -16.67 -11.96 -4.41
CA PRO A 216 -17.15 -11.01 -5.39
C PRO A 216 -16.96 -11.53 -6.82
N GLY A 217 -17.65 -10.86 -7.73
CA GLY A 217 -17.56 -11.20 -9.14
C GLY A 217 -18.57 -12.22 -9.61
N PRO A 218 -18.42 -12.69 -10.84
CA PRO A 218 -19.40 -13.64 -11.42
C PRO A 218 -19.20 -15.05 -10.91
N SER A 219 -20.16 -15.92 -11.25
N SER A 219 -20.16 -15.92 -11.23
CA SER A 219 -20.02 -17.33 -10.95
CA SER A 219 -20.00 -17.32 -10.93
C SER A 219 -18.85 -17.93 -11.74
C SER A 219 -18.85 -17.94 -11.74
N VAL A 220 -18.29 -19.00 -11.19
CA VAL A 220 -17.18 -19.68 -11.83
C VAL A 220 -17.71 -20.33 -13.12
N PHE A 221 -17.01 -20.10 -14.20
CA PHE A 221 -17.22 -20.81 -15.46
C PHE A 221 -16.80 -22.26 -15.35
N THR A 222 -17.67 -23.15 -15.82
CA THR A 222 -17.37 -24.58 -15.84
C THR A 222 -17.77 -25.16 -17.18
N CYS A 223 -17.06 -26.19 -17.56
CA CYS A 223 -17.33 -26.92 -18.79
C CYS A 223 -18.48 -27.91 -18.62
N HIS B 1 -2.53 7.28 0.19
CA HIS B 1 -1.29 7.34 -0.54
C HIS B 1 -0.83 8.76 -0.85
N THR B 2 0.36 9.06 -0.34
CA THR B 2 0.91 10.41 -0.36
C THR B 2 2.40 10.29 -0.02
N ILE B 3 3.15 11.33 -0.36
CA ILE B 3 4.59 11.44 -0.07
C ILE B 3 4.90 12.87 0.35
N PHE B 4 5.62 13.02 1.44
CA PHE B 4 6.26 14.30 1.82
C PHE B 4 7.54 14.36 1.01
N SER B 5 7.56 15.20 -0.07
CA SER B 5 8.64 15.12 -1.03
C SER B 5 9.47 16.38 -1.19
N SER B 6 9.15 17.45 -0.47
CA SER B 6 9.99 18.63 -0.50
C SER B 6 9.62 19.47 0.70
N LEU B 7 10.55 20.36 1.09
CA LEU B 7 10.44 21.22 2.23
C LEU B 7 10.50 22.68 1.76
N GLU B 8 9.62 23.50 2.26
CA GLU B 8 9.70 24.93 2.06
C GLU B 8 10.23 25.60 3.33
N VAL B 9 11.21 26.52 3.14
CA VAL B 9 11.80 27.32 4.19
C VAL B 9 11.83 28.76 3.73
N ASN B 10 11.31 29.69 4.55
CA ASN B 10 11.28 31.13 4.20
C ASN B 10 10.61 31.40 2.86
N GLY B 11 9.51 30.71 2.61
CA GLY B 11 8.79 30.91 1.37
C GLY B 11 9.44 30.32 0.13
N VAL B 12 10.51 29.52 0.27
CA VAL B 12 11.21 28.97 -0.88
C VAL B 12 11.21 27.43 -0.79
N ASN B 13 10.71 26.78 -1.82
CA ASN B 13 10.78 25.33 -1.90
C ASN B 13 12.21 24.90 -2.18
N GLN B 14 12.74 23.95 -1.40
CA GLN B 14 14.14 23.57 -1.46
C GLN B 14 14.43 22.55 -2.54
N GLY B 15 13.41 22.03 -3.19
CA GLY B 15 13.63 21.10 -4.29
C GLY B 15 13.10 19.70 -4.02
N LEU B 16 12.61 19.07 -5.09
CA LEU B 16 12.03 17.75 -4.95
C LEU B 16 13.08 16.77 -4.48
N GLY B 17 12.83 16.10 -3.35
CA GLY B 17 13.80 15.15 -2.85
C GLY B 17 15.10 15.74 -2.35
N GLU B 18 15.19 17.04 -2.19
CA GLU B 18 16.43 17.68 -1.77
C GLU B 18 16.40 17.92 -0.27
N GLY B 19 17.13 17.11 0.46
CA GLY B 19 17.08 17.15 1.91
C GLY B 19 15.95 16.36 2.52
N VAL B 20 15.12 15.74 1.71
CA VAL B 20 14.05 14.84 2.17
C VAL B 20 14.31 13.49 1.58
N ARG B 21 14.32 12.44 2.42
CA ARG B 21 14.57 11.07 1.97
C ARG B 21 13.28 10.48 1.41
N VAL B 22 13.12 10.47 0.09
CA VAL B 22 11.84 10.12 -0.50
C VAL B 22 11.79 8.70 -1.02
N PRO B 23 10.69 8.02 -0.78
CA PRO B 23 10.45 6.77 -1.49
C PRO B 23 9.89 7.04 -2.87
N THR B 24 10.03 6.03 -3.76
N THR B 24 10.06 6.03 -3.73
CA THR B 24 9.37 6.23 -5.06
CA THR B 24 9.53 6.09 -5.08
C THR B 24 7.90 5.84 -5.02
C THR B 24 8.11 5.55 -5.19
N TYR B 25 7.57 4.91 -4.13
N TYR B 25 7.59 4.94 -4.13
CA TYR B 25 6.22 4.43 -3.99
CA TYR B 25 6.20 4.53 -4.06
C TYR B 25 5.52 5.17 -2.85
C TYR B 25 5.51 5.17 -2.87
N ASN B 26 4.24 5.50 -3.07
CA ASN B 26 3.45 6.26 -2.12
C ASN B 26 2.61 5.40 -1.15
N GLY B 27 2.86 4.09 -1.05
CA GLY B 27 2.12 3.23 -0.16
C GLY B 27 2.48 3.42 1.30
N PRO B 28 1.57 3.07 2.19
CA PRO B 28 1.80 3.25 3.63
C PRO B 28 2.65 2.16 4.26
N ILE B 29 3.20 2.50 5.42
CA ILE B 29 3.68 1.55 6.40
C ILE B 29 2.50 1.18 7.29
N GLU B 30 2.41 -0.12 7.59
CA GLU B 30 1.32 -0.63 8.37
C GLU B 30 1.73 -1.27 9.68
N ASP B 31 2.98 -1.65 9.85
CA ASP B 31 3.48 -2.38 11.01
C ASP B 31 4.22 -1.41 11.93
N VAL B 32 3.62 -1.04 13.06
CA VAL B 32 4.26 -0.08 13.96
C VAL B 32 5.48 -0.65 14.69
N THR B 33 5.78 -1.94 14.58
CA THR B 33 6.98 -2.54 15.16
C THR B 33 8.14 -2.57 14.18
N SER B 34 7.90 -2.23 12.90
CA SER B 34 8.92 -2.26 11.91
C SER B 34 9.89 -1.08 12.03
N ALA B 35 11.17 -1.33 11.77
CA ALA B 35 12.16 -0.22 11.64
C ALA B 35 11.71 0.82 10.62
N SER B 36 10.86 0.43 9.66
CA SER B 36 10.38 1.34 8.64
C SER B 36 9.46 2.42 9.20
N ILE B 37 8.94 2.28 10.40
CA ILE B 37 8.06 3.31 10.95
C ILE B 37 8.81 4.62 11.26
N ALA B 38 10.14 4.56 11.39
CA ALA B 38 10.90 5.79 11.70
C ALA B 38 10.97 6.77 10.51
N CYS B 39 11.57 6.36 9.40
CA CYS B 39 11.76 7.21 8.24
C CYS B 39 11.34 6.52 6.96
N ASN B 40 10.33 5.67 7.01
CA ASN B 40 9.90 4.84 5.90
C ASN B 40 10.97 3.79 5.62
N GLY B 41 10.71 2.94 4.66
CA GLY B 41 11.62 1.85 4.33
C GLY B 41 10.84 0.63 3.86
N SER B 42 11.52 -0.52 3.93
CA SER B 42 10.97 -1.79 3.45
C SER B 42 9.53 -1.99 3.91
N PRO B 43 8.60 -2.40 3.01
CA PRO B 43 8.82 -2.87 1.65
C PRO B 43 8.94 -1.80 0.57
N ASN B 44 8.99 -0.53 0.97
N ASN B 44 8.97 -0.56 0.99
CA ASN B 44 9.36 0.53 0.03
CA ASN B 44 9.24 0.56 0.12
C ASN B 44 10.88 0.63 -0.04
C ASN B 44 10.75 0.79 0.13
N THR B 45 11.32 1.44 -0.97
N THR B 45 11.18 1.55 -0.86
CA THR B 45 12.72 1.83 -1.12
CA THR B 45 12.62 1.83 -1.01
C THR B 45 12.80 3.36 -0.97
C THR B 45 12.86 3.34 -1.05
N VAL B 46 13.74 3.80 -0.16
CA VAL B 46 13.90 5.23 0.14
C VAL B 46 15.22 5.73 -0.41
N ALA B 47 15.18 6.86 -1.12
CA ALA B 47 16.40 7.48 -1.65
C ALA B 47 17.16 8.26 -0.58
N SER B 48 18.47 8.27 -0.74
CA SER B 48 19.33 9.10 0.08
C SER B 48 19.52 10.47 -0.59
N THR B 49 19.92 11.43 0.23
CA THR B 49 20.18 12.77 -0.24
C THR B 49 21.32 13.34 0.62
N SER B 50 22.27 14.01 -0.02
CA SER B 50 23.38 14.62 0.73
C SER B 50 23.04 16.02 1.25
N LYS B 51 21.93 16.61 0.83
CA LYS B 51 21.58 17.97 1.21
C LYS B 51 21.09 18.05 2.66
N VAL B 52 21.63 18.99 3.42
CA VAL B 52 21.16 19.33 4.75
C VAL B 52 20.70 20.79 4.74
N ILE B 53 19.47 21.02 5.15
CA ILE B 53 18.80 22.28 4.98
C ILE B 53 18.95 23.07 6.28
N THR B 54 19.55 24.27 6.20
CA THR B 54 19.69 25.15 7.35
C THR B 54 18.38 25.90 7.64
N VAL B 55 17.96 25.87 8.89
N VAL B 55 17.96 25.84 8.90
CA VAL B 55 16.74 26.53 9.35
CA VAL B 55 16.73 26.45 9.41
C VAL B 55 17.02 27.20 10.70
C VAL B 55 17.06 27.20 10.70
N GLN B 56 16.45 28.39 10.86
CA GLN B 56 16.57 29.14 12.09
C GLN B 56 15.60 28.62 13.14
N ALA B 57 16.11 28.32 14.33
CA ALA B 57 15.26 27.92 15.44
C ALA B 57 14.21 29.00 15.70
N GLY B 58 12.96 28.57 15.93
CA GLY B 58 11.88 29.44 16.20
C GLY B 58 11.03 29.80 15.01
N THR B 59 11.43 29.37 13.82
CA THR B 59 10.71 29.65 12.60
C THR B 59 10.06 28.36 12.14
N ASN B 60 9.24 28.49 11.10
CA ASN B 60 8.48 27.35 10.58
C ASN B 60 9.09 26.83 9.31
N VAL B 61 9.06 25.53 9.18
CA VAL B 61 9.29 24.87 7.92
C VAL B 61 7.94 24.32 7.50
N THR B 62 7.78 24.13 6.22
CA THR B 62 6.52 23.58 5.71
C THR B 62 6.83 22.33 4.88
N ALA B 63 6.30 21.20 5.34
CA ALA B 63 6.38 19.96 4.59
C ALA B 63 5.32 19.99 3.48
N ILE B 64 5.71 19.61 2.29
CA ILE B 64 4.87 19.69 1.10
C ILE B 64 4.55 18.25 0.70
N TRP B 65 3.28 17.89 0.84
CA TRP B 65 2.76 16.55 0.55
C TRP B 65 2.15 16.51 -0.85
N ARG B 66 2.52 15.48 -1.59
CA ARG B 66 2.03 15.23 -2.94
C ARG B 66 1.69 13.75 -3.13
N TYR B 67 0.76 13.50 -4.06
CA TYR B 67 0.31 12.13 -4.27
C TYR B 67 1.47 11.25 -4.72
N MET B 68 2.22 11.70 -5.70
CA MET B 68 3.35 10.97 -6.26
C MET B 68 4.51 11.94 -6.48
N LEU B 69 5.70 11.38 -6.72
CA LEU B 69 6.87 12.22 -6.96
C LEU B 69 6.71 13.06 -8.22
N SER B 70 6.00 12.51 -9.21
CA SER B 70 5.79 13.20 -10.48
C SER B 70 4.65 14.20 -10.45
N THR B 71 3.90 14.31 -9.35
CA THR B 71 2.74 15.19 -9.30
C THR B 71 3.20 16.63 -9.36
N THR B 72 2.57 17.43 -10.21
CA THR B 72 2.97 18.83 -10.34
C THR B 72 1.96 19.81 -9.80
N GLY B 73 0.70 19.40 -9.63
CA GLY B 73 -0.31 20.27 -9.11
C GLY B 73 -0.45 20.20 -7.61
N ASP B 74 -1.43 20.94 -7.13
CA ASP B 74 -1.64 21.10 -5.70
C ASP B 74 -3.12 21.09 -5.28
N SER B 75 -4.00 20.57 -6.15
CA SER B 75 -5.39 20.40 -5.77
C SER B 75 -5.51 19.18 -4.87
N PRO B 76 -6.66 19.00 -4.20
CA PRO B 76 -6.81 17.87 -3.27
C PRO B 76 -6.40 16.52 -3.82
N ALA B 77 -6.74 16.22 -5.07
CA ALA B 77 -6.40 14.92 -5.60
C ALA B 77 -4.90 14.82 -5.83
N ASP B 78 -4.20 15.93 -5.91
CA ASP B 78 -2.77 15.92 -6.08
C ASP B 78 -2.03 15.74 -4.75
N VAL B 79 -2.74 15.75 -3.64
CA VAL B 79 -2.14 15.62 -2.29
C VAL B 79 -2.43 14.20 -1.76
N MET B 80 -3.70 13.89 -1.53
CA MET B 80 -4.07 12.59 -0.97
C MET B 80 -5.56 12.44 -1.08
N ASP B 81 -5.99 11.21 -1.20
CA ASP B 81 -7.41 10.95 -1.31
C ASP B 81 -8.17 11.39 -0.07
N SER B 82 -9.35 11.99 -0.26
N SER B 82 -9.37 11.97 -0.29
CA SER B 82 -10.08 12.58 0.86
CA SER B 82 -10.18 12.56 0.78
C SER B 82 -10.69 11.54 1.80
C SER B 82 -10.67 11.53 1.80
N SER B 83 -10.68 10.25 1.46
CA SER B 83 -11.05 9.22 2.43
C SER B 83 -10.08 9.11 3.59
N HIS B 84 -8.85 9.60 3.40
CA HIS B 84 -7.75 9.35 4.33
C HIS B 84 -7.78 10.39 5.45
N LYS B 85 -8.79 10.28 6.29
CA LYS B 85 -8.93 11.13 7.46
C LYS B 85 -8.03 10.64 8.57
N GLY B 86 -7.37 11.61 9.24
CA GLY B 86 -6.59 11.31 10.41
C GLY B 86 -5.73 12.48 10.82
N PRO B 87 -4.84 12.24 11.78
CA PRO B 87 -3.96 13.34 12.27
C PRO B 87 -2.74 13.60 11.37
N THR B 88 -2.19 14.81 11.51
CA THR B 88 -0.85 15.14 11.01
C THR B 88 0.05 15.35 12.25
N ILE B 89 1.31 14.95 12.14
CA ILE B 89 2.21 14.92 13.30
C ILE B 89 3.62 15.22 12.79
N ALA B 90 4.44 15.86 13.62
CA ALA B 90 5.85 16.04 13.28
C ALA B 90 6.72 15.85 14.50
N TYR B 91 7.93 15.30 14.27
CA TYR B 91 8.90 14.97 15.31
C TYR B 91 10.27 15.47 14.87
N LEU B 92 11.13 15.74 15.84
CA LEU B 92 12.55 15.99 15.62
C LEU B 92 13.39 14.94 16.34
N LYS B 93 14.61 14.75 15.88
CA LYS B 93 15.57 13.88 16.53
C LYS B 93 16.94 14.47 16.32
N LYS B 94 17.68 14.71 17.42
CA LYS B 94 19.03 15.25 17.29
C LYS B 94 19.96 14.15 16.85
N VAL B 95 20.79 14.42 15.86
CA VAL B 95 21.71 13.42 15.33
C VAL B 95 23.08 14.07 15.10
N ASP B 96 24.10 13.21 14.97
N ASP B 96 24.10 13.23 14.97
CA ASP B 96 25.45 13.69 14.71
CA ASP B 96 25.43 13.77 14.72
C ASP B 96 25.60 14.22 13.29
C ASP B 96 25.58 14.26 13.28
N ASN B 97 25.05 13.51 12.32
CA ASN B 97 25.16 13.88 10.91
C ASN B 97 23.84 13.54 10.25
N ALA B 98 23.09 14.55 9.85
CA ALA B 98 21.72 14.31 9.35
C ALA B 98 21.72 13.57 8.01
N ALA B 99 22.85 13.51 7.28
CA ALA B 99 22.87 12.83 5.99
C ALA B 99 23.10 11.36 6.16
N THR B 100 23.60 10.91 7.32
CA THR B 100 23.88 9.50 7.51
C THR B 100 23.12 8.81 8.65
N ALA B 101 22.51 9.55 9.56
CA ALA B 101 21.82 8.93 10.68
C ALA B 101 20.61 8.14 10.18
N SER B 102 20.34 6.99 10.77
CA SER B 102 19.23 6.19 10.23
C SER B 102 17.85 6.65 10.70
N GLY B 103 17.73 7.24 11.85
CA GLY B 103 16.41 7.56 12.39
C GLY B 103 15.81 6.53 13.31
N VAL B 104 16.22 5.29 13.18
CA VAL B 104 15.70 4.21 14.02
C VAL B 104 16.25 4.33 15.44
N GLY B 105 15.38 4.19 16.40
CA GLY B 105 15.80 4.20 17.77
C GLY B 105 15.28 5.35 18.59
N ASN B 106 15.93 5.58 19.73
CA ASN B 106 15.50 6.62 20.65
C ASN B 106 15.93 7.99 20.15
N GLY B 107 15.35 9.03 20.74
CA GLY B 107 15.72 10.41 20.44
C GLY B 107 14.62 11.30 19.90
N TRP B 108 13.47 10.79 19.53
CA TRP B 108 12.45 11.60 18.90
C TRP B 108 11.64 12.35 19.92
N PHE B 109 11.20 13.53 19.54
CA PHE B 109 10.27 14.30 20.34
C PHE B 109 9.28 15.01 19.43
N LYS B 110 8.05 15.08 19.88
CA LYS B 110 6.97 15.62 19.09
C LYS B 110 6.96 17.13 19.15
N ILE B 111 6.85 17.80 18.01
CA ILE B 111 6.80 19.25 17.96
C ILE B 111 5.54 19.82 17.33
N GLN B 112 4.69 19.00 16.70
CA GLN B 112 3.47 19.49 16.09
C GLN B 112 2.50 18.30 16.02
N GLN B 113 1.22 18.62 16.19
CA GLN B 113 0.17 17.63 15.87
C GLN B 113 -1.11 18.37 15.58
N ASP B 114 -1.99 17.68 14.87
CA ASP B 114 -3.26 18.24 14.46
C ASP B 114 -4.17 17.04 14.26
N GLY B 115 -4.95 16.71 15.28
CA GLY B 115 -5.88 15.58 15.26
C GLY B 115 -7.25 15.91 14.67
N MET B 116 -8.32 15.84 15.47
CA MET B 116 -9.65 16.24 15.01
C MET B 116 -10.12 17.44 15.83
N ASP B 117 -10.60 18.48 15.15
CA ASP B 117 -11.03 19.69 15.82
C ASP B 117 -12.48 19.54 16.31
N SER B 118 -13.08 20.67 16.69
CA SER B 118 -14.42 20.62 17.27
C SER B 118 -15.46 20.30 16.20
N SER B 119 -15.29 20.92 15.03
CA SER B 119 -16.08 20.65 13.83
C SER B 119 -15.95 19.24 13.29
N GLY B 120 -15.18 18.36 13.95
CA GLY B 120 -14.93 17.03 13.40
C GLY B 120 -14.18 17.03 12.08
N VAL B 121 -13.36 18.06 11.84
CA VAL B 121 -12.46 18.12 10.69
C VAL B 121 -11.06 17.73 11.14
N TRP B 122 -10.39 16.93 10.30
CA TRP B 122 -9.14 16.26 10.63
C TRP B 122 -7.91 17.02 10.11
N GLY B 123 -6.81 16.81 10.82
CA GLY B 123 -5.54 17.36 10.39
C GLY B 123 -5.26 17.11 8.91
N THR B 124 -5.45 15.85 8.45
CA THR B 124 -5.09 15.54 7.07
C THR B 124 -5.97 16.29 6.11
N GLU B 125 -7.24 16.55 6.49
CA GLU B 125 -8.11 17.34 5.61
C GLU B 125 -7.60 18.79 5.43
N ARG B 126 -7.05 19.40 6.49
CA ARG B 126 -6.44 20.72 6.35
C ARG B 126 -5.25 20.72 5.39
N VAL B 127 -4.47 19.63 5.34
CA VAL B 127 -3.37 19.53 4.39
C VAL B 127 -3.88 19.29 2.97
N ILE B 128 -4.82 18.34 2.80
CA ILE B 128 -5.37 18.02 1.48
C ILE B 128 -5.94 19.26 0.83
N ASN B 129 -6.69 20.02 1.58
CA ASN B 129 -7.37 21.20 1.04
C ASN B 129 -6.55 22.47 1.13
N GLY B 130 -5.35 22.39 1.72
CA GLY B 130 -4.45 23.53 1.82
C GLY B 130 -3.21 23.36 1.00
N LYS B 131 -3.37 22.85 -0.22
CA LYS B 131 -2.27 22.75 -1.21
C LYS B 131 -1.12 21.85 -0.72
N GLY B 132 -1.42 20.90 0.15
CA GLY B 132 -0.43 19.96 0.62
C GLY B 132 0.49 20.53 1.69
N ARG B 133 0.13 21.67 2.30
CA ARG B 133 1.07 22.39 3.16
C ARG B 133 0.86 21.99 4.61
N HIS B 134 1.92 21.47 5.22
CA HIS B 134 1.95 21.02 6.60
C HIS B 134 3.02 21.86 7.31
N SER B 135 2.56 22.90 8.02
CA SER B 135 3.47 23.88 8.63
C SER B 135 3.87 23.44 10.03
N ILE B 136 5.16 23.55 10.34
CA ILE B 136 5.74 22.99 11.55
C ILE B 136 6.69 24.01 12.15
N LYS B 137 6.51 24.36 13.43
CA LYS B 137 7.37 25.35 14.07
C LYS B 137 8.54 24.60 14.70
N ILE B 138 9.76 25.02 14.35
CA ILE B 138 10.93 24.49 15.01
C ILE B 138 11.09 25.21 16.35
N PRO B 139 11.16 24.54 17.48
CA PRO B 139 11.26 25.25 18.78
C PRO B 139 12.52 26.11 18.85
N GLU B 140 12.36 27.27 19.53
CA GLU B 140 13.47 28.21 19.69
C GLU B 140 14.46 27.73 20.77
N CYS B 141 14.00 26.90 21.70
CA CYS B 141 14.76 26.59 22.91
C CYS B 141 15.57 25.32 22.83
N ILE B 142 15.60 24.62 21.69
CA ILE B 142 16.40 23.43 21.58
C ILE B 142 17.84 23.78 21.25
N ALA B 143 18.71 22.81 21.50
CA ALA B 143 20.10 22.95 21.15
C ALA B 143 20.31 23.03 19.64
N PRO B 144 21.24 23.83 19.16
CA PRO B 144 21.54 23.86 17.75
C PRO B 144 22.22 22.56 17.31
N GLY B 145 22.15 22.34 16.02
CA GLY B 145 22.85 21.22 15.46
C GLY B 145 22.03 20.50 14.40
N GLN B 146 22.48 19.29 14.12
CA GLN B 146 21.84 18.49 13.08
C GLN B 146 20.67 17.72 13.64
N TYR B 147 19.58 17.71 12.88
CA TYR B 147 18.36 17.01 13.24
C TYR B 147 17.74 16.32 12.06
N LEU B 148 17.02 15.24 12.35
CA LEU B 148 16.01 14.69 11.45
C LEU B 148 14.65 15.25 11.82
N LEU B 149 13.88 15.62 10.81
CA LEU B 149 12.48 16.02 10.95
C LEU B 149 11.66 14.89 10.34
N ARG B 150 10.80 14.31 11.12
CA ARG B 150 9.89 13.23 10.69
C ARG B 150 8.50 13.84 10.61
N ALA B 151 7.93 13.95 9.42
CA ALA B 151 6.59 14.48 9.24
C ALA B 151 5.70 13.32 8.82
N GLU B 152 4.51 13.26 9.38
CA GLU B 152 3.63 12.09 9.27
C GLU B 152 2.17 12.48 9.08
N MET B 153 1.50 11.74 8.23
CA MET B 153 0.03 11.71 8.18
C MET B 153 -0.39 10.29 8.41
N ILE B 154 -1.38 10.09 9.27
CA ILE B 154 -1.94 8.75 9.52
C ILE B 154 -3.39 8.76 8.98
N ALA B 155 -3.66 7.83 8.07
CA ALA B 155 -5.01 7.61 7.53
C ALA B 155 -5.69 6.52 8.34
N LEU B 156 -6.88 6.87 8.82
CA LEU B 156 -7.64 6.03 9.73
C LEU B 156 -8.93 5.46 9.14
N HIS B 157 -9.15 5.62 7.83
CA HIS B 157 -10.39 5.18 7.22
C HIS B 157 -10.54 3.66 7.25
N ALA B 158 -9.47 2.89 7.44
CA ALA B 158 -9.52 1.42 7.46
C ALA B 158 -8.91 0.89 8.75
N ALA B 159 -9.04 1.66 9.85
CA ALA B 159 -8.31 1.39 11.08
C ALA B 159 -9.17 0.77 12.19
N SER B 160 -10.36 0.24 11.86
CA SER B 160 -11.22 -0.38 12.88
C SER B 160 -10.51 -1.52 13.61
N ASN B 161 -9.68 -2.28 12.92
CA ASN B 161 -8.81 -3.31 13.48
C ASN B 161 -7.36 -2.91 13.23
N TYR B 162 -6.45 -3.65 13.84
CA TYR B 162 -5.05 -3.53 13.60
C TYR B 162 -4.54 -4.89 13.13
N PRO B 163 -3.79 -4.97 12.02
CA PRO B 163 -3.39 -3.79 11.23
C PRO B 163 -4.55 -3.14 10.47
N GLY B 164 -4.41 -1.86 10.13
CA GLY B 164 -5.40 -1.14 9.42
C GLY B 164 -4.98 0.29 9.20
N ALA B 165 -4.57 0.93 10.28
CA ALA B 165 -4.05 2.29 10.18
C ALA B 165 -2.92 2.35 9.18
N GLN B 166 -2.88 3.45 8.43
CA GLN B 166 -1.93 3.65 7.36
C GLN B 166 -1.04 4.86 7.68
N PHE B 167 0.23 4.56 7.86
CA PHE B 167 1.22 5.56 8.28
C PHE B 167 2.08 6.02 7.10
N TYR B 168 2.02 7.32 6.81
CA TYR B 168 2.78 7.95 5.75
C TYR B 168 3.76 8.91 6.38
N MET B 169 5.06 8.64 6.18
CA MET B 169 6.08 9.49 6.84
C MET B 169 7.33 9.57 5.98
N GLU B 170 8.00 10.72 6.04
CA GLU B 170 9.36 10.86 5.50
C GLU B 170 10.17 11.72 6.45
N CYS B 171 11.48 11.57 6.35
CA CYS B 171 12.42 12.32 7.14
C CYS B 171 13.24 13.30 6.32
N ALA B 172 13.31 14.48 6.84
CA ALA B 172 14.10 15.55 6.28
C ALA B 172 15.33 15.79 7.13
N GLN B 173 16.32 16.37 6.47
CA GLN B 173 17.67 16.54 7.03
C GLN B 173 17.95 18.02 7.30
N LEU B 174 18.04 18.39 8.56
CA LEU B 174 18.11 19.78 8.98
C LEU B 174 19.39 20.10 9.74
N ASN B 175 19.81 21.36 9.55
CA ASN B 175 20.81 22.00 10.41
C ASN B 175 20.13 23.17 11.10
N VAL B 176 19.88 23.06 12.41
CA VAL B 176 19.15 24.07 13.18
C VAL B 176 20.17 25.02 13.81
N VAL B 177 20.07 26.24 13.40
CA VAL B 177 20.92 27.30 13.92
C VAL B 177 20.12 28.25 14.80
N GLY B 178 20.82 28.73 15.83
CA GLY B 178 20.26 29.75 16.68
C GLY B 178 19.48 29.25 17.86
N GLY B 179 19.44 27.95 18.08
CA GLY B 179 18.72 27.43 19.21
C GLY B 179 19.44 27.79 20.50
N THR B 180 18.68 28.04 21.56
CA THR B 180 19.31 28.48 22.80
C THR B 180 19.73 27.32 23.67
N GLY B 181 19.27 26.08 23.40
CA GLY B 181 19.59 24.98 24.26
C GLY B 181 19.04 25.10 25.68
N ALA B 182 18.01 25.92 25.90
CA ALA B 182 17.45 26.16 27.23
C ALA B 182 16.71 24.98 27.81
N LYS B 183 16.21 24.06 26.95
CA LYS B 183 15.37 22.97 27.39
C LYS B 183 15.82 21.72 26.62
N THR B 184 15.90 20.60 27.32
CA THR B 184 16.23 19.33 26.72
C THR B 184 14.98 18.44 26.72
N PRO B 185 14.49 18.02 25.56
CA PRO B 185 13.24 17.24 25.54
C PRO B 185 13.45 15.84 26.08
N SER B 186 12.39 15.31 26.65
CA SER B 186 12.32 13.86 26.84
C SER B 186 11.91 13.23 25.50
N THR B 187 12.41 12.05 25.25
CA THR B 187 12.33 11.43 23.94
C THR B 187 11.68 10.07 23.97
N VAL B 188 11.25 9.65 22.79
CA VAL B 188 10.71 8.33 22.54
C VAL B 188 11.45 7.67 21.38
N SER B 189 11.12 6.42 21.13
CA SER B 189 11.74 5.58 20.12
C SER B 189 10.74 5.30 19.01
N PHE B 190 11.25 5.25 17.77
CA PHE B 190 10.54 4.66 16.65
C PHE B 190 11.41 3.54 16.09
N PRO B 191 10.93 2.26 16.08
CA PRO B 191 9.69 1.84 16.70
C PRO B 191 9.69 1.90 18.21
N GLY B 192 8.47 1.96 18.75
CA GLY B 192 8.25 1.92 20.19
C GLY B 192 7.16 2.86 20.65
N ALA B 193 7.07 4.04 20.08
CA ALA B 193 6.16 5.05 20.58
C ALA B 193 4.69 4.71 20.29
N TYR B 194 4.44 4.01 19.16
CA TYR B 194 3.09 3.62 18.79
C TYR B 194 2.90 2.11 19.02
N SER B 195 1.68 1.79 19.41
CA SER B 195 1.25 0.41 19.60
C SER B 195 -0.04 0.15 18.82
N GLY B 196 -0.19 -1.12 18.36
CA GLY B 196 -1.41 -1.55 17.68
C GLY B 196 -2.68 -1.36 18.48
N SER B 197 -2.59 -1.38 19.80
CA SER B 197 -3.74 -1.15 20.67
C SER B 197 -3.98 0.29 21.08
N ASP B 198 -3.14 1.28 20.66
CA ASP B 198 -3.41 2.66 21.03
C ASP B 198 -4.79 3.14 20.55
N PRO B 199 -5.48 4.01 21.33
CA PRO B 199 -6.82 4.48 20.93
C PRO B 199 -6.90 5.30 19.71
N GLY B 200 -5.80 5.90 19.27
CA GLY B 200 -5.82 6.63 18.03
C GLY B 200 -5.22 5.86 16.86
N VAL B 201 -4.83 4.62 17.08
CA VAL B 201 -4.35 3.71 16.03
C VAL B 201 -5.43 2.70 15.64
N LYS B 202 -6.01 2.02 16.64
CA LYS B 202 -7.11 1.08 16.42
C LYS B 202 -8.40 1.83 16.79
N ILE B 203 -9.17 2.22 15.79
CA ILE B 203 -10.29 3.09 15.98
C ILE B 203 -11.21 3.03 14.78
N SER B 204 -12.51 2.89 15.06
CA SER B 204 -13.52 3.11 14.05
C SER B 204 -13.91 4.56 14.05
N ILE B 205 -13.70 5.23 12.94
CA ILE B 205 -14.11 6.63 12.81
C ILE B 205 -15.53 6.74 12.29
N TYR B 206 -16.24 5.61 12.22
CA TYR B 206 -17.62 5.61 11.74
C TYR B 206 -18.64 5.19 12.78
N TRP B 207 -18.27 4.31 13.72
CA TRP B 207 -19.24 3.64 14.59
C TRP B 207 -18.74 3.63 16.03
N PRO B 208 -19.21 4.58 16.90
CA PRO B 208 -20.03 5.75 16.51
C PRO B 208 -19.18 6.80 15.87
N PRO B 209 -19.80 7.84 15.30
CA PRO B 209 -19.01 8.89 14.65
C PRO B 209 -18.28 9.70 15.72
N VAL B 210 -16.98 9.77 15.56
CA VAL B 210 -16.07 10.22 16.60
C VAL B 210 -16.17 11.74 16.82
N THR B 211 -16.21 12.17 18.09
CA THR B 211 -16.18 13.61 18.41
C THR B 211 -14.92 14.04 19.17
N SER B 212 -14.07 13.09 19.59
CA SER B 212 -12.80 13.39 20.29
C SER B 212 -11.77 12.31 19.97
N TYR B 213 -10.54 12.73 19.68
CA TYR B 213 -9.52 11.82 19.17
C TYR B 213 -8.21 12.03 19.93
N THR B 214 -7.59 10.94 20.34
CA THR B 214 -6.30 10.98 21.02
C THR B 214 -5.17 10.71 20.02
N VAL B 215 -4.42 11.76 19.67
CA VAL B 215 -3.28 11.56 18.76
C VAL B 215 -2.27 10.64 19.43
N PRO B 216 -1.75 9.65 18.72
CA PRO B 216 -0.77 8.72 19.30
C PRO B 216 0.55 9.40 19.62
N GLY B 217 1.37 8.74 20.46
CA GLY B 217 2.67 9.24 20.81
C GLY B 217 2.66 10.18 22.00
N PRO B 218 3.82 10.77 22.27
CA PRO B 218 4.00 11.59 23.48
C PRO B 218 3.34 12.93 23.29
N SER B 219 3.26 13.70 24.39
CA SER B 219 2.69 15.04 24.23
C SER B 219 3.71 15.96 23.53
N VAL B 220 3.18 17.08 23.05
CA VAL B 220 3.96 18.01 22.28
C VAL B 220 4.96 18.68 23.19
N PHE B 221 6.19 18.76 22.71
CA PHE B 221 7.25 19.51 23.39
C PHE B 221 7.01 20.99 23.19
N THR B 222 7.11 21.75 24.30
CA THR B 222 6.99 23.21 24.23
C THR B 222 8.11 23.84 25.06
N CYS B 223 8.47 25.04 24.62
CA CYS B 223 9.49 25.87 25.27
C CYS B 223 8.87 26.61 26.44
#